data_5AG6
#
_entry.id   5AG6
#
_cell.length_a   48.720
_cell.length_b   90.270
_cell.length_c   53.270
_cell.angle_alpha   90.00
_cell.angle_beta   114.57
_cell.angle_gamma   90.00
#
_symmetry.space_group_name_H-M   'P 1 21 1'
#
loop_
_entity.id
_entity.type
_entity.pdbx_description
1 polymer 'GLYCYLPEPTIDE N-TETRADECANOYLTRANSFERASE'
2 non-polymer (2R)-2-(4-hydroxy-3-methoxyphenyl)-3-(pyridin-2-ylmethyl)-1,3-thiazolidin-4-one
3 non-polymer TETRADECANOYL-COA
4 water water
#
_entity_poly.entity_id   1
_entity_poly.type   'polypeptide(L)'
_entity_poly.pdbx_seq_one_letter_code
;MGSSHHHHHHSSGRENLYFQGPSNSDAAHAFWSTQPVPQTEDETEKIVFAGPMDEPKTVADIPEEPYPIASTFEWWTPNM
EAADDIHAIYELLRDNYVEDDDSMFRFNYSEEFLQWALCPPNYIPDWHVAVRRKADKKLLAFIAGVPVTLRMGTPKYMKV
KAQEKGEGEEAAKYDEPRHICEINFLCVHKQLREKRLAPILIKEATRRVNRTNVWQAVYTAGVLLPTPYASGQYFHRSLN
PEKLVEIRFSGIPAQYQKFQNPMAMLKRNYQLPSAPKNSGLREMKPSDVPQVRRILMNYLDSFDVGPVFSDAEISHYLLP
RDGVVFTYVVENDKKVTDFFSFYRIPSTVIGNSNYNLLNAAYVHYYAATSIPLHQLILDLLIVAHSRGFDVCNMVEILDN
RSFVEQLKFGAGDGHLRYYFYNWAYPKIKPSQVALVML
;
_entity_poly.pdbx_strand_id   A
#
loop_
_chem_comp.id
_chem_comp.type
_chem_comp.name
_chem_comp.formula
5PE non-polymer (2R)-2-(4-hydroxy-3-methoxyphenyl)-3-(pyridin-2-ylmethyl)-1,3-thiazolidin-4-one 'C16 H16 N2 O3 S'
MYA non-polymer TETRADECANOYL-COA 'C35 H62 N7 O17 P3 S'
#
# COMPACT_ATOMS: atom_id res chain seq x y z
N ALA A 28 23.40 14.21 7.14
CA ALA A 28 23.14 14.02 5.71
C ALA A 28 22.54 12.59 5.44
N HIS A 29 22.17 12.37 4.21
CA HIS A 29 21.72 11.09 3.76
C HIS A 29 22.77 10.71 2.70
N ALA A 30 23.74 9.84 3.05
CA ALA A 30 24.80 9.47 2.11
C ALA A 30 24.23 8.78 0.85
N PHE A 31 23.16 8.00 1.01
CA PHE A 31 22.42 7.44 -0.20
C PHE A 31 21.42 8.42 -0.89
N TRP A 32 20.43 8.91 -0.14
CA TRP A 32 19.30 9.62 -0.74
C TRP A 32 19.65 10.95 -1.28
N SER A 33 20.71 11.56 -0.74
CA SER A 33 21.28 12.76 -1.38
C SER A 33 21.74 12.50 -2.84
N THR A 34 22.10 11.27 -3.19
CA THR A 34 22.56 11.02 -4.57
C THR A 34 21.39 10.68 -5.54
N GLN A 35 20.14 10.83 -5.09
CA GLN A 35 18.99 10.25 -5.82
C GLN A 35 18.10 11.31 -6.36
N PRO A 36 17.32 11.04 -7.47
CA PRO A 36 16.52 12.10 -8.06
C PRO A 36 15.16 12.23 -7.38
N VAL A 37 15.21 12.73 -6.15
CA VAL A 37 14.06 13.04 -5.34
C VAL A 37 14.23 14.42 -4.71
N PRO A 38 13.14 15.12 -4.38
CA PRO A 38 13.39 16.37 -3.67
C PRO A 38 14.10 16.13 -2.36
N GLN A 39 15.01 17.05 -1.98
CA GLN A 39 15.94 16.79 -0.88
C GLN A 39 15.49 17.34 0.49
N THR A 40 14.69 18.41 0.49
CA THR A 40 14.14 18.99 1.71
C THR A 40 12.62 19.29 1.63
N GLU A 41 11.98 19.43 2.81
CA GLU A 41 10.63 19.97 2.88
C GLU A 41 10.55 21.25 2.10
N ASP A 42 11.54 22.13 2.34
CA ASP A 42 11.72 23.43 1.63
C ASP A 42 11.55 23.33 0.10
N GLU A 43 12.36 22.45 -0.51
CA GLU A 43 12.27 22.17 -1.93
C GLU A 43 10.82 21.82 -2.38
N THR A 44 10.19 20.88 -1.69
CA THR A 44 8.91 20.38 -2.18
C THR A 44 7.75 21.36 -1.97
N GLU A 45 7.79 22.41 -0.94
CA GLU A 45 6.89 23.55 -0.83
C GLU A 45 7.01 24.43 -2.08
N LYS A 46 8.19 24.43 -2.74
CA LYS A 46 8.51 25.20 -3.96
C LYS A 46 7.88 24.60 -5.26
N ILE A 47 7.70 23.28 -5.31
CA ILE A 47 7.20 22.55 -6.50
C ILE A 47 5.77 22.90 -6.86
N VAL A 48 5.57 23.31 -8.10
CA VAL A 48 4.27 23.78 -8.57
C VAL A 48 3.69 22.88 -9.69
N PHE A 49 4.55 22.10 -10.37
CA PHE A 49 4.07 21.27 -11.49
C PHE A 49 4.60 19.89 -11.27
N ALA A 50 3.85 18.91 -11.74
CA ALA A 50 4.34 17.48 -11.77
C ALA A 50 5.28 17.31 -12.93
N GLY A 51 6.25 16.43 -12.75
CA GLY A 51 7.34 16.26 -13.72
C GLY A 51 8.57 15.52 -13.23
N PRO A 52 9.41 15.06 -14.17
CA PRO A 52 10.52 14.18 -13.80
C PRO A 52 11.62 15.03 -13.13
N MET A 53 12.55 14.43 -12.38
CA MET A 53 13.68 15.24 -11.82
C MET A 53 15.00 14.97 -12.43
N ASP A 54 15.19 13.75 -12.89
CA ASP A 54 16.51 13.31 -13.26
C ASP A 54 16.80 13.78 -14.70
N GLU A 55 18.04 13.60 -15.17
CA GLU A 55 18.35 13.75 -16.61
C GLU A 55 17.47 12.74 -17.43
N PRO A 56 16.97 13.11 -18.63
CA PRO A 56 16.20 12.08 -19.37
C PRO A 56 17.12 10.97 -19.84
N LYS A 57 16.71 9.71 -19.71
CA LYS A 57 17.54 8.59 -20.14
C LYS A 57 16.76 7.63 -21.05
N THR A 58 17.48 6.67 -21.60
CA THR A 58 17.02 5.68 -22.54
C THR A 58 17.42 4.32 -21.97
N VAL A 59 16.71 3.28 -22.35
CA VAL A 59 17.09 1.96 -21.90
C VAL A 59 18.58 1.65 -22.18
N ALA A 60 19.06 2.05 -23.38
CA ALA A 60 20.42 1.84 -23.82
C ALA A 60 21.44 2.53 -22.87
N ASP A 61 21.07 3.59 -22.16
CA ASP A 61 21.95 4.23 -21.16
C ASP A 61 22.15 3.40 -19.91
N ILE A 62 21.32 2.35 -19.74
CA ILE A 62 21.25 1.59 -18.49
C ILE A 62 22.05 0.31 -18.56
N PRO A 63 22.93 0.09 -17.55
CA PRO A 63 23.81 -1.04 -17.57
C PRO A 63 23.03 -2.30 -17.68
N GLU A 64 23.53 -3.22 -18.47
CA GLU A 64 22.86 -4.49 -18.56
C GLU A 64 23.28 -5.50 -17.48
N GLU A 65 24.43 -5.27 -16.85
CA GLU A 65 24.99 -6.13 -15.80
C GLU A 65 24.37 -5.70 -14.47
N PRO A 66 24.02 -6.66 -13.63
CA PRO A 66 23.50 -6.28 -12.33
C PRO A 66 24.56 -5.49 -11.55
N TYR A 67 24.07 -4.64 -10.67
CA TYR A 67 24.88 -3.85 -9.78
C TYR A 67 25.92 -4.74 -8.99
N PRO A 68 27.20 -4.35 -8.98
CA PRO A 68 28.18 -5.15 -8.21
C PRO A 68 27.70 -5.38 -6.74
N ILE A 69 27.92 -6.56 -6.18
CA ILE A 69 27.63 -6.82 -4.75
C ILE A 69 28.83 -7.65 -4.35
N ALA A 70 29.05 -7.79 -3.04
CA ALA A 70 30.18 -8.51 -2.49
C ALA A 70 30.16 -9.98 -2.95
N SER A 71 31.34 -10.54 -3.17
CA SER A 71 31.49 -11.87 -3.77
C SER A 71 30.83 -13.02 -2.96
N THR A 72 30.56 -12.79 -1.67
CA THR A 72 29.94 -13.78 -0.81
C THR A 72 28.43 -13.77 -1.02
N PHE A 73 27.92 -12.78 -1.78
CA PHE A 73 26.47 -12.65 -2.06
C PHE A 73 26.17 -12.89 -3.52
N GLU A 74 24.92 -13.21 -3.77
CA GLU A 74 24.46 -13.30 -5.12
C GLU A 74 23.04 -12.68 -5.24
N TRP A 75 22.77 -12.07 -6.39
CA TRP A 75 21.38 -11.67 -6.76
C TRP A 75 20.56 -12.90 -7.08
N TRP A 76 19.30 -12.91 -6.67
CA TRP A 76 18.34 -13.97 -6.98
C TRP A 76 16.99 -13.35 -7.35
N THR A 77 16.39 -13.88 -8.41
CA THR A 77 15.06 -13.49 -8.82
C THR A 77 14.13 -14.62 -8.39
N PRO A 78 13.43 -14.46 -7.26
CA PRO A 78 12.56 -15.58 -6.94
C PRO A 78 11.42 -15.67 -7.94
N ASN A 79 10.92 -16.88 -8.09
CA ASN A 79 9.71 -17.15 -8.83
C ASN A 79 8.49 -17.05 -7.92
N MET A 80 7.77 -15.92 -7.97
CA MET A 80 6.78 -15.61 -6.92
C MET A 80 5.43 -16.29 -7.18
N GLU A 81 5.46 -17.25 -8.09
CA GLU A 81 4.38 -18.17 -8.34
C GLU A 81 4.86 -19.61 -8.02
N ALA A 82 6.07 -19.74 -7.47
CA ALA A 82 6.57 -21.03 -6.98
C ALA A 82 6.38 -21.11 -5.46
N ALA A 83 5.55 -22.03 -5.00
CA ALA A 83 5.26 -22.18 -3.56
C ALA A 83 6.50 -22.08 -2.70
N ASP A 84 7.56 -22.78 -3.09
CA ASP A 84 8.74 -22.83 -2.26
C ASP A 84 9.50 -21.51 -2.23
N ASP A 85 9.51 -20.78 -3.34
CA ASP A 85 10.20 -19.45 -3.35
C ASP A 85 9.35 -18.43 -2.55
N ILE A 86 8.04 -18.46 -2.74
CA ILE A 86 7.13 -17.62 -1.92
C ILE A 86 7.34 -17.91 -0.45
N HIS A 87 7.47 -19.20 -0.06
CA HIS A 87 7.72 -19.55 1.36
C HIS A 87 9.03 -18.93 1.86
N ALA A 88 10.09 -18.96 1.03
CA ALA A 88 11.37 -18.39 1.47
C ALA A 88 11.23 -16.87 1.71
N ILE A 89 10.58 -16.15 0.80
CA ILE A 89 10.34 -14.70 0.99
C ILE A 89 9.50 -14.50 2.26
N TYR A 90 8.46 -15.33 2.36
CA TYR A 90 7.55 -15.33 3.52
C TYR A 90 8.30 -15.35 4.86
N GLU A 91 9.26 -16.26 4.99
CA GLU A 91 9.98 -16.44 6.25
C GLU A 91 10.83 -15.24 6.50
N LEU A 92 11.44 -14.68 5.45
CA LEU A 92 12.31 -13.52 5.64
C LEU A 92 11.49 -12.37 6.24
N LEU A 93 10.29 -12.19 5.70
CA LEU A 93 9.44 -11.05 6.12
C LEU A 93 8.81 -11.32 7.49
N ARG A 94 8.44 -12.57 7.73
CA ARG A 94 7.87 -12.95 9.02
C ARG A 94 8.88 -12.58 10.11
N ASP A 95 10.17 -12.86 9.88
CA ASP A 95 11.20 -12.60 10.92
C ASP A 95 11.86 -11.23 10.95
N ASN A 96 11.76 -10.49 9.83
CA ASN A 96 12.66 -9.34 9.61
C ASN A 96 12.02 -8.11 9.00
N TYR A 97 10.69 -8.12 8.78
CA TYR A 97 9.99 -7.01 8.18
C TYR A 97 9.54 -6.02 9.25
N VAL A 98 8.60 -5.14 8.89
CA VAL A 98 8.26 -3.92 9.70
C VAL A 98 7.66 -4.19 11.11
N GLU A 99 8.28 -3.66 12.15
CA GLU A 99 7.75 -3.70 13.49
C GLU A 99 7.22 -2.32 13.84
N ASP A 100 6.40 -2.22 14.89
CA ASP A 100 6.06 -0.93 15.51
C ASP A 100 7.29 -0.36 16.24
N ASP A 101 7.21 0.87 16.73
CA ASP A 101 8.37 1.53 17.33
C ASP A 101 8.75 0.85 18.62
N ASP A 102 7.82 0.08 19.19
CA ASP A 102 8.13 -0.61 20.50
C ASP A 102 8.42 -2.09 20.40
N SER A 103 8.69 -2.54 19.17
CA SER A 103 8.87 -3.99 18.94
C SER A 103 7.92 -4.88 19.74
N MET A 104 6.64 -4.64 19.54
CA MET A 104 5.58 -5.43 20.13
C MET A 104 4.84 -6.22 19.00
N PHE A 105 4.88 -5.69 17.78
CA PHE A 105 4.12 -6.28 16.67
C PHE A 105 4.99 -6.29 15.45
N ARG A 106 4.87 -7.31 14.57
CA ARG A 106 5.65 -7.32 13.32
C ARG A 106 4.68 -7.91 12.29
N PHE A 107 4.60 -7.28 11.11
CA PHE A 107 3.72 -7.82 10.03
C PHE A 107 4.05 -9.26 9.76
N ASN A 108 3.03 -10.04 9.47
CA ASN A 108 3.22 -11.40 9.15
C ASN A 108 2.43 -11.65 7.88
N TYR A 109 2.80 -10.97 6.80
CA TYR A 109 2.17 -11.24 5.51
C TYR A 109 2.14 -12.74 5.15
N SER A 110 0.96 -13.25 4.80
CA SER A 110 0.85 -14.66 4.44
C SER A 110 1.43 -14.97 3.08
N GLU A 111 1.73 -16.24 2.85
CA GLU A 111 2.21 -16.69 1.53
C GLU A 111 1.23 -16.40 0.40
N GLU A 112 -0.06 -16.66 0.64
CA GLU A 112 -1.10 -16.48 -0.36
C GLU A 112 -1.21 -14.97 -0.62
N PHE A 113 -1.03 -14.18 0.44
CA PHE A 113 -1.08 -12.70 0.26
C PHE A 113 0.09 -12.19 -0.63
N LEU A 114 1.27 -12.80 -0.44
CA LEU A 114 2.49 -12.40 -1.18
C LEU A 114 2.35 -12.73 -2.64
N GLN A 115 1.82 -13.91 -2.96
CA GLN A 115 1.53 -14.28 -4.33
C GLN A 115 0.58 -13.27 -5.00
N TRP A 116 -0.51 -12.96 -4.32
CA TRP A 116 -1.48 -11.95 -4.75
C TRP A 116 -0.88 -10.58 -4.97
N ALA A 117 -0.16 -10.01 -3.98
CA ALA A 117 0.35 -8.64 -4.09
C ALA A 117 1.43 -8.55 -5.12
N LEU A 118 2.21 -9.62 -5.30
CA LEU A 118 3.38 -9.46 -6.19
C LEU A 118 3.15 -9.91 -7.63
N CYS A 119 2.05 -10.60 -7.89
CA CYS A 119 1.76 -11.12 -9.25
C CYS A 119 0.47 -10.59 -9.86
N PRO A 120 0.30 -9.25 -9.88
CA PRO A 120 -0.92 -8.75 -10.59
C PRO A 120 -0.72 -8.93 -12.14
N PRO A 121 -1.78 -8.66 -12.95
CA PRO A 121 -1.73 -8.88 -14.39
C PRO A 121 -0.54 -8.14 -14.99
N ASN A 122 0.25 -8.82 -15.80
CA ASN A 122 1.36 -8.14 -16.48
C ASN A 122 2.53 -7.77 -15.52
N TYR A 123 2.54 -8.35 -14.32
CA TYR A 123 3.72 -8.19 -13.43
C TYR A 123 5.03 -8.61 -14.15
N ILE A 124 6.14 -8.07 -13.68
CA ILE A 124 7.41 -8.31 -14.33
C ILE A 124 8.24 -9.12 -13.37
N PRO A 125 8.47 -10.42 -13.68
CA PRO A 125 9.20 -11.26 -12.71
C PRO A 125 10.57 -10.66 -12.22
N ASP A 126 11.37 -10.06 -13.12
CA ASP A 126 12.64 -9.40 -12.81
C ASP A 126 12.54 -8.24 -11.79
N TRP A 127 11.36 -7.68 -11.60
CA TRP A 127 11.19 -6.64 -10.60
C TRP A 127 11.22 -7.18 -9.17
N HIS A 128 11.23 -8.48 -9.02
CA HIS A 128 11.26 -9.05 -7.68
C HIS A 128 12.71 -9.44 -7.38
N VAL A 129 13.33 -8.72 -6.45
CA VAL A 129 14.80 -8.74 -6.41
C VAL A 129 15.24 -9.26 -5.04
N ALA A 130 16.04 -10.34 -4.99
CA ALA A 130 16.53 -10.83 -3.67
C ALA A 130 18.07 -10.83 -3.64
N VAL A 131 18.63 -10.81 -2.45
CA VAL A 131 20.03 -11.15 -2.20
C VAL A 131 20.10 -12.48 -1.42
N ARG A 132 21.00 -13.37 -1.83
CA ARG A 132 21.28 -14.61 -1.06
C ARG A 132 22.74 -14.78 -0.80
N ARG A 133 23.06 -15.44 0.30
CA ARG A 133 24.43 -15.76 0.60
C ARG A 133 24.80 -16.84 -0.37
N LYS A 134 25.87 -16.62 -1.13
CA LYS A 134 26.25 -17.51 -2.21
C LYS A 134 26.55 -18.93 -1.69
N ALA A 135 27.19 -19.01 -0.52
CA ALA A 135 27.54 -20.29 0.13
C ALA A 135 26.33 -21.21 0.34
N ASP A 136 25.44 -20.84 1.27
CA ASP A 136 24.31 -21.70 1.68
C ASP A 136 22.93 -21.30 1.12
N LYS A 137 22.91 -20.50 0.07
CA LYS A 137 21.70 -19.75 -0.37
C LYS A 137 20.80 -19.20 0.74
N LYS A 138 21.36 -18.73 1.84
CA LYS A 138 20.45 -18.13 2.83
C LYS A 138 19.87 -16.80 2.29
N LEU A 139 18.56 -16.63 2.35
CA LEU A 139 17.90 -15.41 1.90
C LEU A 139 18.21 -14.29 2.87
N LEU A 140 18.74 -13.18 2.35
CA LEU A 140 19.29 -12.10 3.20
C LEU A 140 18.56 -10.75 3.04
N ALA A 141 17.89 -10.58 1.91
CA ALA A 141 17.28 -9.27 1.61
C ALA A 141 16.28 -9.36 0.43
N PHE A 142 15.34 -8.40 0.32
CA PHE A 142 14.34 -8.51 -0.75
C PHE A 142 13.80 -7.13 -1.00
N ILE A 143 13.31 -6.85 -2.21
CA ILE A 143 12.55 -5.62 -2.51
C ILE A 143 11.73 -6.10 -3.71
N ALA A 144 10.49 -5.68 -3.82
CA ALA A 144 9.62 -6.02 -4.97
C ALA A 144 9.08 -4.78 -5.67
N GLY A 145 9.01 -4.78 -7.01
CA GLY A 145 8.28 -3.74 -7.72
C GLY A 145 7.14 -4.45 -8.46
N VAL A 146 6.01 -3.75 -8.62
CA VAL A 146 4.92 -4.27 -9.49
C VAL A 146 4.51 -3.14 -10.39
N PRO A 147 3.90 -3.45 -11.56
CA PRO A 147 3.47 -2.34 -12.35
C PRO A 147 2.21 -1.72 -11.74
N VAL A 148 2.06 -0.40 -11.90
CA VAL A 148 0.80 0.30 -11.64
C VAL A 148 0.67 1.46 -12.64
N THR A 149 -0.54 1.67 -13.13
CA THR A 149 -0.91 2.82 -13.97
C THR A 149 -1.46 3.87 -13.05
N LEU A 150 -0.73 4.99 -12.92
CA LEU A 150 -1.07 5.95 -11.89
C LEU A 150 -1.36 7.33 -12.51
N ARG A 151 -2.44 7.99 -12.10
CA ARG A 151 -2.60 9.41 -12.43
C ARG A 151 -1.78 10.21 -11.44
N MET A 152 -0.89 11.04 -11.95
CA MET A 152 0.11 11.73 -11.13
C MET A 152 0.51 13.06 -11.79
N GLY A 153 -0.47 13.63 -12.52
CA GLY A 153 -0.37 15.02 -13.05
C GLY A 153 -0.50 16.05 -11.92
N THR A 154 -0.19 17.29 -12.24
CA THR A 154 -0.31 18.41 -11.31
C THR A 154 -1.65 18.37 -10.56
N PRO A 155 -1.59 18.55 -9.24
CA PRO A 155 -2.83 18.44 -8.51
C PRO A 155 -3.74 19.70 -8.72
N LYS A 156 -5.01 19.56 -8.36
CA LYS A 156 -6.05 20.58 -8.58
C LYS A 156 -5.68 21.99 -8.04
N TYR A 157 -5.33 22.09 -6.75
CA TYR A 157 -4.98 23.39 -6.20
C TYR A 157 -3.84 24.09 -6.99
N MET A 158 -2.90 23.33 -7.50
CA MET A 158 -1.83 23.92 -8.28
C MET A 158 -2.25 24.19 -9.73
N LYS A 159 -3.19 23.46 -10.29
CA LYS A 159 -3.66 23.83 -11.62
C LYS A 159 -4.46 25.16 -11.61
N VAL A 160 -5.11 25.43 -10.50
CA VAL A 160 -5.77 26.69 -10.28
C VAL A 160 -4.77 27.85 -10.33
N LYS A 161 -3.63 27.70 -9.65
CA LYS A 161 -2.59 28.73 -9.59
C LYS A 161 -1.98 28.86 -10.99
N ALA A 162 -1.80 27.76 -11.67
CA ALA A 162 -1.16 27.82 -12.97
C ALA A 162 -2.04 28.61 -13.92
N GLN A 163 -3.34 28.53 -13.75
CA GLN A 163 -4.26 29.15 -14.70
C GLN A 163 -4.24 30.64 -14.48
N GLU A 164 -4.26 31.03 -13.19
CA GLU A 164 -4.02 32.42 -12.76
C GLU A 164 -2.82 33.05 -13.49
N LYS A 165 -1.71 32.30 -13.56
CA LYS A 165 -0.41 32.77 -14.07
C LYS A 165 -0.12 32.50 -15.55
N GLY A 166 -1.14 32.01 -16.27
CA GLY A 166 -1.07 31.70 -17.68
C GLY A 166 -0.14 30.56 -18.00
N GLU A 167 -0.04 29.58 -17.09
CA GLU A 167 0.87 28.44 -17.22
C GLU A 167 0.17 27.08 -17.24
N GLY A 168 -1.02 27.05 -17.81
CA GLY A 168 -1.91 25.87 -17.81
C GLY A 168 -1.28 24.72 -18.54
N GLU A 169 -0.49 25.03 -19.56
CA GLU A 169 -0.02 23.99 -20.44
C GLU A 169 1.15 23.23 -19.80
N GLU A 170 2.08 23.97 -19.24
CA GLU A 170 3.07 23.37 -18.40
C GLU A 170 2.50 22.54 -17.23
N ALA A 171 1.44 23.02 -16.61
CA ALA A 171 0.75 22.27 -15.52
C ALA A 171 0.12 20.98 -15.96
N ALA A 172 -0.31 20.92 -17.21
CA ALA A 172 -1.05 19.75 -17.75
C ALA A 172 -0.18 18.77 -18.53
N LYS A 173 1.09 19.12 -18.65
CA LYS A 173 1.99 18.39 -19.55
C LYS A 173 2.07 16.93 -19.15
N TYR A 174 1.96 16.62 -17.87
CA TYR A 174 2.12 15.18 -17.49
C TYR A 174 0.83 14.63 -16.89
N ASP A 175 -0.33 15.16 -17.34
CA ASP A 175 -1.63 14.60 -16.96
C ASP A 175 -1.89 13.15 -17.38
N GLU A 176 -1.24 12.62 -18.43
CA GLU A 176 -1.68 11.30 -18.87
C GLU A 176 -1.30 10.26 -17.80
N PRO A 177 -2.21 9.30 -17.48
CA PRO A 177 -1.85 8.20 -16.54
C PRO A 177 -0.55 7.46 -16.97
N ARG A 178 0.37 7.29 -16.04
CA ARG A 178 1.71 6.80 -16.37
C ARG A 178 1.92 5.39 -15.87
N HIS A 179 2.68 4.60 -16.63
CA HIS A 179 2.99 3.21 -16.24
C HIS A 179 4.27 3.25 -15.46
N ILE A 180 4.19 3.05 -14.15
CA ILE A 180 5.32 3.26 -13.29
C ILE A 180 5.46 1.99 -12.44
N CYS A 181 6.40 2.05 -11.50
CA CYS A 181 6.67 0.95 -10.58
C CYS A 181 6.13 1.27 -9.20
N GLU A 182 5.45 0.33 -8.59
CA GLU A 182 5.15 0.44 -7.18
C GLU A 182 6.08 -0.51 -6.43
N ILE A 183 6.85 0.05 -5.48
CA ILE A 183 7.81 -0.71 -4.66
C ILE A 183 7.19 -0.98 -3.27
N ASN A 184 7.52 -2.13 -2.70
CA ASN A 184 7.04 -2.50 -1.36
C ASN A 184 7.97 -3.65 -0.92
N PHE A 185 7.82 -4.05 0.33
CA PHE A 185 8.51 -5.25 0.83
C PHE A 185 10.05 -5.19 0.88
N LEU A 186 10.60 -3.98 0.89
CA LEU A 186 12.02 -3.81 1.16
C LEU A 186 12.29 -4.34 2.56
N CYS A 187 13.21 -5.27 2.64
CA CYS A 187 13.54 -5.92 3.87
C CYS A 187 15.02 -6.41 3.85
N VAL A 188 15.81 -5.97 4.83
CA VAL A 188 17.13 -6.53 5.09
C VAL A 188 17.06 -7.38 6.42
N HIS A 189 17.57 -8.62 6.35
CA HIS A 189 17.62 -9.52 7.49
C HIS A 189 18.24 -8.79 8.69
N LYS A 190 17.71 -9.04 9.87
CA LYS A 190 18.23 -8.40 11.07
C LYS A 190 19.72 -8.53 11.24
N GLN A 191 20.27 -9.67 10.87
CA GLN A 191 21.67 -9.87 10.99
C GLN A 191 22.50 -9.04 10.02
N LEU A 192 21.90 -8.39 9.02
CA LEU A 192 22.70 -7.59 8.09
C LEU A 192 22.42 -6.08 8.11
N ARG A 193 21.79 -5.60 9.18
CA ARG A 193 21.30 -4.23 9.27
C ARG A 193 22.44 -3.21 9.37
N GLU A 194 22.22 -2.01 8.81
CA GLU A 194 23.16 -0.88 8.86
C GLU A 194 24.49 -1.29 8.27
N LYS A 195 24.44 -2.11 7.24
CA LYS A 195 25.61 -2.41 6.45
C LYS A 195 25.55 -1.81 5.03
N ARG A 196 24.65 -0.84 4.80
CA ARG A 196 24.50 -0.21 3.49
C ARG A 196 24.04 -1.19 2.41
N LEU A 197 23.38 -2.27 2.81
CA LEU A 197 22.78 -3.19 1.84
C LEU A 197 21.48 -2.63 1.21
N ALA A 198 20.65 -1.92 2.00
CA ALA A 198 19.42 -1.30 1.41
C ALA A 198 19.67 -0.35 0.15
N PRO A 199 20.68 0.55 0.20
CA PRO A 199 21.03 1.33 -1.04
C PRO A 199 21.33 0.47 -2.28
N ILE A 200 22.06 -0.65 -2.13
CA ILE A 200 22.36 -1.53 -3.24
C ILE A 200 21.10 -2.23 -3.77
N LEU A 201 20.22 -2.73 -2.89
CA LEU A 201 18.95 -3.26 -3.32
C LEU A 201 18.16 -2.20 -4.12
N ILE A 202 18.14 -0.97 -3.63
CA ILE A 202 17.34 0.08 -4.30
C ILE A 202 17.92 0.43 -5.71
N LYS A 203 19.26 0.51 -5.81
CA LYS A 203 19.96 0.73 -7.07
C LYS A 203 19.70 -0.41 -8.09
N GLU A 204 19.79 -1.67 -7.67
CA GLU A 204 19.51 -2.79 -8.54
C GLU A 204 18.02 -2.90 -8.99
N ALA A 205 17.09 -2.66 -8.06
CA ALA A 205 15.67 -2.54 -8.39
C ALA A 205 15.50 -1.44 -9.44
N THR A 206 16.06 -0.27 -9.15
CA THR A 206 15.99 0.92 -10.02
C THR A 206 16.51 0.53 -11.41
N ARG A 207 17.59 -0.26 -11.44
CA ARG A 207 18.24 -0.66 -12.72
C ARG A 207 17.30 -1.57 -13.50
N ARG A 208 16.71 -2.56 -12.83
CA ARG A 208 15.79 -3.54 -13.55
C ARG A 208 14.54 -2.88 -14.15
N VAL A 209 13.97 -1.97 -13.37
CA VAL A 209 12.82 -1.17 -13.74
C VAL A 209 13.20 -0.24 -14.92
N ASN A 210 14.32 0.45 -14.82
CA ASN A 210 14.79 1.32 -15.93
C ASN A 210 15.02 0.57 -17.23
N ARG A 211 15.61 -0.64 -17.13
CA ARG A 211 15.83 -1.50 -18.29
C ARG A 211 14.51 -1.92 -18.93
N THR A 212 13.40 -1.84 -18.18
CA THR A 212 12.01 -2.03 -18.71
C THR A 212 11.41 -0.71 -19.23
N ASN A 213 12.21 0.36 -19.26
CA ASN A 213 11.79 1.69 -19.82
C ASN A 213 10.73 2.32 -18.91
N VAL A 214 10.89 2.09 -17.60
CA VAL A 214 10.06 2.76 -16.60
C VAL A 214 10.99 3.63 -15.69
N TRP A 215 10.59 4.90 -15.45
CA TRP A 215 11.49 5.93 -14.88
C TRP A 215 10.96 6.58 -13.60
N GLN A 216 9.72 6.26 -13.23
CA GLN A 216 9.15 6.68 -11.95
C GLN A 216 8.81 5.48 -11.07
N ALA A 217 8.79 5.68 -9.74
CA ALA A 217 8.22 4.73 -8.80
C ALA A 217 7.40 5.45 -7.75
N VAL A 218 6.45 4.73 -7.15
CA VAL A 218 5.74 5.26 -6.01
C VAL A 218 5.96 4.25 -4.86
N TYR A 219 6.19 4.78 -3.65
CA TYR A 219 6.42 3.85 -2.51
C TYR A 219 5.94 4.58 -1.26
N THR A 220 5.68 3.85 -0.20
CA THR A 220 5.33 4.47 1.06
C THR A 220 6.27 3.90 2.14
N ALA A 221 6.37 4.63 3.23
CA ALA A 221 7.15 4.17 4.38
C ALA A 221 6.56 4.80 5.64
N GLY A 222 6.63 4.08 6.76
CA GLY A 222 6.32 4.71 8.04
C GLY A 222 7.42 5.69 8.45
N VAL A 223 8.63 5.52 7.97
CA VAL A 223 9.69 6.47 8.34
C VAL A 223 9.71 7.74 7.45
N LEU A 224 10.32 8.81 7.94
CA LEU A 224 10.46 10.05 7.15
C LEU A 224 11.77 10.01 6.38
N LEU A 225 11.64 10.13 5.07
CA LEU A 225 12.76 10.16 4.15
C LEU A 225 12.58 11.40 3.25
N PRO A 226 13.61 11.77 2.48
CA PRO A 226 13.38 12.85 1.53
C PRO A 226 12.59 12.32 0.30
N THR A 227 11.46 12.94 -0.04
CA THR A 227 10.68 13.86 0.76
C THR A 227 9.26 13.49 0.37
N PRO A 228 8.35 13.26 1.36
CA PRO A 228 7.04 12.77 1.02
C PRO A 228 6.20 13.83 0.28
N TYR A 229 5.29 13.42 -0.60
CA TYR A 229 4.34 14.40 -1.13
C TYR A 229 3.05 14.40 -0.31
N ALA A 230 2.87 13.38 0.54
CA ALA A 230 1.69 13.37 1.38
C ALA A 230 2.01 12.54 2.59
N SER A 231 1.31 12.77 3.68
CA SER A 231 1.48 11.95 4.89
C SER A 231 0.12 11.77 5.55
N GLY A 232 -0.28 10.57 5.93
CA GLY A 232 -1.50 10.48 6.73
C GLY A 232 -1.33 9.65 7.96
N GLN A 233 -2.12 9.96 8.97
CA GLN A 233 -2.19 9.09 10.15
C GLN A 233 -2.89 7.78 9.88
N TYR A 234 -2.51 6.75 10.64
CA TYR A 234 -3.30 5.53 10.67
C TYR A 234 -4.42 5.71 11.65
N PHE A 235 -5.47 4.94 11.42
CA PHE A 235 -6.69 4.84 12.26
C PHE A 235 -7.01 3.37 12.50
N HIS A 236 -7.57 3.07 13.67
CA HIS A 236 -7.82 1.68 14.10
C HIS A 236 -9.22 1.58 14.69
N ARG A 237 -9.95 0.55 14.29
CA ARG A 237 -11.27 0.31 14.87
C ARG A 237 -11.22 -1.01 15.60
N SER A 238 -11.38 -0.97 16.92
CA SER A 238 -11.36 -2.22 17.74
C SER A 238 -12.50 -3.14 17.43
N LEU A 239 -12.21 -4.41 17.14
CA LEU A 239 -13.29 -5.38 16.89
C LEU A 239 -13.30 -6.44 18.04
N ASN A 240 -12.10 -6.72 18.59
CA ASN A 240 -11.92 -7.65 19.76
C ASN A 240 -11.11 -6.91 20.82
N PRO A 241 -11.77 -5.99 21.56
CA PRO A 241 -11.04 -5.18 22.56
C PRO A 241 -10.41 -6.02 23.67
N GLU A 242 -11.08 -7.10 24.11
CA GLU A 242 -10.49 -7.96 25.15
C GLU A 242 -9.07 -8.32 24.75
N LYS A 243 -8.93 -8.87 23.53
CA LYS A 243 -7.61 -9.23 22.99
C LYS A 243 -6.64 -8.05 22.78
N LEU A 244 -7.13 -6.93 22.24
CA LEU A 244 -6.31 -5.75 21.95
C LEU A 244 -5.74 -5.14 23.25
N VAL A 245 -6.56 -5.19 24.32
CA VAL A 245 -6.10 -4.77 25.63
C VAL A 245 -5.05 -5.78 26.16
N GLU A 246 -5.37 -7.05 26.04
CA GLU A 246 -4.49 -8.12 26.56
C GLU A 246 -3.10 -7.98 25.92
N ILE A 247 -3.02 -7.74 24.60
CA ILE A 247 -1.73 -7.57 23.95
C ILE A 247 -1.09 -6.17 24.12
N ARG A 248 -1.78 -5.31 24.85
CA ARG A 248 -1.35 -3.95 25.13
C ARG A 248 -1.30 -3.03 23.89
N PHE A 249 -2.11 -3.35 22.86
CA PHE A 249 -2.30 -2.39 21.79
C PHE A 249 -3.21 -1.26 22.29
N SER A 250 -4.28 -1.60 22.99
CA SER A 250 -5.24 -0.63 23.50
C SER A 250 -5.19 -0.59 25.02
N GLY A 251 -5.75 0.46 25.62
CA GLY A 251 -6.00 0.49 27.08
C GLY A 251 -7.47 0.58 27.43
N ILE A 252 -7.80 0.56 28.72
CA ILE A 252 -9.20 0.68 29.13
C ILE A 252 -9.42 2.13 29.49
N PRO A 262 -15.27 -3.28 33.74
CA PRO A 262 -14.84 -2.25 32.74
C PRO A 262 -14.63 -2.89 31.34
N MET A 263 -14.17 -4.14 31.30
CA MET A 263 -14.05 -4.86 30.01
C MET A 263 -15.44 -5.13 29.41
N ALA A 264 -16.43 -5.39 30.27
CA ALA A 264 -17.81 -5.52 29.81
C ALA A 264 -18.27 -4.21 29.15
N MET A 265 -17.87 -3.06 29.69
CA MET A 265 -18.24 -1.77 29.05
C MET A 265 -17.46 -1.48 27.77
N LEU A 266 -16.25 -2.02 27.68
CA LEU A 266 -15.40 -1.71 26.55
C LEU A 266 -15.91 -2.59 25.44
N LYS A 267 -16.13 -3.88 25.74
CA LYS A 267 -16.83 -4.79 24.83
C LYS A 267 -18.17 -4.22 24.34
N ARG A 268 -18.97 -3.66 25.25
CA ARG A 268 -20.24 -3.04 24.89
C ARG A 268 -20.07 -1.85 23.92
N ASN A 269 -19.08 -1.00 24.19
CA ASN A 269 -18.79 0.11 23.30
C ASN A 269 -18.51 -0.32 21.87
N TYR A 270 -17.75 -1.42 21.72
CA TYR A 270 -17.28 -1.76 20.40
C TYR A 270 -18.13 -2.83 19.66
N GLN A 271 -19.23 -3.22 20.31
CA GLN A 271 -20.04 -4.37 19.88
C GLN A 271 -20.65 -4.09 18.53
N LEU A 272 -20.87 -5.12 17.71
CA LEU A 272 -21.38 -4.89 16.35
C LEU A 272 -22.49 -5.85 16.05
N PRO A 273 -23.35 -5.51 15.05
CA PRO A 273 -24.37 -6.44 14.63
C PRO A 273 -23.69 -7.71 14.22
N SER A 274 -24.39 -8.81 14.43
CA SER A 274 -23.91 -10.11 13.97
C SER A 274 -24.05 -10.34 12.43
N ALA A 275 -24.84 -9.51 11.76
CA ALA A 275 -25.07 -9.64 10.31
C ALA A 275 -25.14 -8.29 9.68
N PRO A 276 -24.70 -8.18 8.41
CA PRO A 276 -24.71 -6.93 7.71
C PRO A 276 -26.10 -6.30 7.62
N LYS A 277 -26.11 -4.99 7.48
CA LYS A 277 -27.35 -4.21 7.49
C LYS A 277 -27.88 -3.86 6.13
N ASN A 278 -27.04 -3.68 5.13
CA ASN A 278 -27.53 -3.33 3.80
C ASN A 278 -28.08 -4.55 3.09
N SER A 279 -29.38 -4.54 2.84
CA SER A 279 -30.04 -5.65 2.19
C SER A 279 -29.38 -5.87 0.84
N GLY A 280 -29.11 -7.12 0.55
CA GLY A 280 -28.46 -7.45 -0.75
C GLY A 280 -26.99 -7.04 -0.83
N LEU A 281 -26.35 -7.04 0.32
CA LEU A 281 -24.92 -7.08 0.37
C LEU A 281 -24.61 -8.50 0.06
N ARG A 282 -23.58 -8.75 -0.74
CA ARG A 282 -23.11 -10.11 -0.96
C ARG A 282 -21.66 -10.00 -1.45
N GLU A 283 -20.91 -11.11 -1.45
CA GLU A 283 -19.56 -11.09 -1.94
C GLU A 283 -19.59 -10.81 -3.41
N MET A 284 -18.55 -10.16 -3.88
CA MET A 284 -18.33 -9.93 -5.28
C MET A 284 -18.18 -11.21 -6.05
N LYS A 285 -18.67 -11.22 -7.31
CA LYS A 285 -18.46 -12.39 -8.18
C LYS A 285 -17.80 -11.87 -9.48
N PRO A 286 -17.23 -12.78 -10.28
CA PRO A 286 -16.55 -12.32 -11.54
C PRO A 286 -17.41 -11.42 -12.48
N SER A 287 -18.74 -11.67 -12.56
CA SER A 287 -19.57 -10.87 -13.45
C SER A 287 -19.77 -9.44 -12.91
N ASP A 288 -19.35 -9.16 -11.67
CA ASP A 288 -19.45 -7.76 -11.16
C ASP A 288 -18.32 -6.87 -11.67
N VAL A 289 -17.23 -7.48 -12.19
CA VAL A 289 -16.03 -6.77 -12.53
C VAL A 289 -16.26 -5.44 -13.31
N PRO A 290 -17.07 -5.48 -14.41
CA PRO A 290 -17.19 -4.24 -15.18
C PRO A 290 -17.89 -3.09 -14.41
N GLN A 291 -18.92 -3.38 -13.63
CA GLN A 291 -19.64 -2.34 -12.92
C GLN A 291 -18.79 -1.80 -11.74
N VAL A 292 -18.09 -2.71 -11.04
CA VAL A 292 -17.20 -2.33 -9.90
C VAL A 292 -16.11 -1.38 -10.43
N ARG A 293 -15.55 -1.75 -11.60
CA ARG A 293 -14.59 -0.91 -12.31
C ARG A 293 -15.13 0.48 -12.59
N ARG A 294 -16.27 0.53 -13.25
CA ARG A 294 -17.00 1.80 -13.49
C ARG A 294 -17.13 2.66 -12.23
N ILE A 295 -17.79 2.15 -11.18
CA ILE A 295 -18.02 3.01 -10.02
C ILE A 295 -16.74 3.38 -9.26
N LEU A 296 -15.76 2.46 -9.25
CA LEU A 296 -14.45 2.76 -8.64
C LEU A 296 -13.73 3.79 -9.43
N MET A 297 -13.59 3.58 -10.74
CA MET A 297 -12.87 4.55 -11.53
C MET A 297 -13.50 5.95 -11.46
N ASN A 298 -14.82 6.00 -11.36
CA ASN A 298 -15.57 7.30 -11.28
C ASN A 298 -15.25 8.05 -10.01
N TYR A 299 -15.15 7.27 -8.95
CA TYR A 299 -14.87 7.80 -7.66
C TYR A 299 -13.38 8.25 -7.51
N LEU A 300 -12.46 7.41 -7.93
CA LEU A 300 -11.07 7.65 -7.62
C LEU A 300 -10.66 8.84 -8.44
N ASP A 301 -11.35 9.00 -9.57
CA ASP A 301 -11.22 10.23 -10.42
C ASP A 301 -11.13 11.55 -9.73
N SER A 302 -11.92 11.70 -8.67
CA SER A 302 -11.97 12.95 -7.99
C SER A 302 -10.71 13.22 -7.12
N PHE A 303 -9.72 12.32 -7.09
CA PHE A 303 -8.55 12.54 -6.21
C PHE A 303 -7.38 12.91 -7.07
N ASP A 304 -6.42 13.63 -6.51
CA ASP A 304 -5.23 14.09 -7.25
C ASP A 304 -4.30 12.99 -7.68
N VAL A 305 -4.04 12.02 -6.80
CA VAL A 305 -3.20 10.86 -7.16
C VAL A 305 -4.04 9.60 -6.96
N GLY A 306 -4.06 8.75 -7.99
CA GLY A 306 -4.88 7.57 -7.91
C GLY A 306 -4.56 6.61 -9.07
N PRO A 307 -4.81 5.31 -8.86
CA PRO A 307 -4.54 4.29 -9.84
C PRO A 307 -5.64 4.20 -10.91
N VAL A 308 -5.28 3.73 -12.10
CA VAL A 308 -6.28 3.36 -13.11
C VAL A 308 -6.18 1.85 -13.31
N PHE A 309 -7.30 1.16 -13.17
CA PHE A 309 -7.37 -0.30 -13.26
C PHE A 309 -8.12 -0.80 -14.51
N SER A 310 -7.56 -1.76 -15.25
CA SER A 310 -8.34 -2.48 -16.30
C SER A 310 -9.36 -3.40 -15.60
N ASP A 311 -10.27 -4.02 -16.37
CA ASP A 311 -11.02 -5.15 -15.80
C ASP A 311 -10.08 -6.20 -15.19
N ALA A 312 -8.95 -6.58 -15.86
CA ALA A 312 -8.06 -7.66 -15.38
C ALA A 312 -7.48 -7.29 -13.98
N GLU A 313 -7.24 -6.01 -13.76
CA GLU A 313 -6.68 -5.52 -12.48
C GLU A 313 -7.74 -5.43 -11.39
N ILE A 314 -8.94 -4.95 -11.75
CA ILE A 314 -10.12 -5.09 -10.84
C ILE A 314 -10.35 -6.57 -10.41
N SER A 315 -10.37 -7.56 -11.34
CA SER A 315 -10.51 -8.96 -10.96
C SER A 315 -9.38 -9.37 -10.09
N HIS A 316 -8.16 -9.10 -10.47
CA HIS A 316 -7.02 -9.47 -9.58
C HIS A 316 -7.12 -8.87 -8.14
N TYR A 317 -7.34 -7.55 -8.06
CA TYR A 317 -7.19 -6.84 -6.80
C TYR A 317 -8.43 -6.91 -5.95
N LEU A 318 -9.61 -7.23 -6.53
CA LEU A 318 -10.87 -7.18 -5.78
C LEU A 318 -11.68 -8.48 -5.68
N LEU A 319 -11.52 -9.43 -6.59
CA LEU A 319 -12.26 -10.70 -6.37
C LEU A 319 -11.78 -11.42 -5.11
N PRO A 320 -12.75 -11.96 -4.33
CA PRO A 320 -12.46 -12.54 -2.99
C PRO A 320 -11.40 -13.62 -3.12
N ARG A 321 -10.40 -13.63 -2.25
CA ARG A 321 -9.44 -14.74 -2.14
C ARG A 321 -9.34 -15.14 -0.69
N ASP A 322 -9.58 -16.42 -0.33
CA ASP A 322 -9.66 -16.86 1.11
C ASP A 322 -8.39 -16.44 1.87
N GLY A 323 -8.58 -15.88 3.07
CA GLY A 323 -7.43 -15.39 3.88
C GLY A 323 -6.67 -14.14 3.36
N VAL A 324 -7.11 -13.55 2.25
CA VAL A 324 -6.32 -12.50 1.59
C VAL A 324 -7.14 -11.20 1.37
N VAL A 325 -8.18 -11.28 0.54
CA VAL A 325 -8.99 -10.10 0.17
C VAL A 325 -10.45 -10.54 0.16
N PHE A 326 -11.34 -9.62 0.57
CA PHE A 326 -12.73 -9.86 0.91
C PHE A 326 -13.47 -8.66 0.36
N THR A 327 -14.42 -8.89 -0.55
CA THR A 327 -15.06 -7.76 -1.26
C THR A 327 -16.52 -8.06 -1.41
N TYR A 328 -17.34 -7.06 -1.13
CA TYR A 328 -18.74 -7.18 -1.01
C TYR A 328 -19.28 -6.04 -1.82
N VAL A 329 -20.30 -6.32 -2.59
CA VAL A 329 -21.00 -5.31 -3.35
C VAL A 329 -22.42 -5.17 -2.78
N VAL A 330 -22.97 -3.98 -2.95
CA VAL A 330 -24.41 -3.77 -2.79
C VAL A 330 -25.07 -3.89 -4.18
N GLU A 331 -25.98 -4.83 -4.31
CA GLU A 331 -26.62 -4.96 -5.60
C GLU A 331 -28.08 -4.76 -5.31
N ASN A 332 -28.69 -3.78 -5.96
CA ASN A 332 -30.16 -3.74 -5.95
C ASN A 332 -30.72 -3.66 -7.34
N ASP A 333 -31.67 -4.58 -7.60
CA ASP A 333 -32.36 -4.71 -8.89
C ASP A 333 -31.30 -4.94 -9.95
N LYS A 334 -30.55 -6.03 -9.71
CA LYS A 334 -29.51 -6.56 -10.58
C LYS A 334 -28.41 -5.54 -11.02
N LYS A 335 -28.20 -4.49 -10.23
CA LYS A 335 -27.15 -3.50 -10.50
C LYS A 335 -26.23 -3.21 -9.30
N VAL A 336 -24.92 -3.22 -9.51
CA VAL A 336 -23.97 -2.94 -8.40
C VAL A 336 -23.88 -1.46 -8.22
N THR A 337 -24.35 -0.97 -7.08
CA THR A 337 -24.40 0.48 -6.79
C THR A 337 -23.33 0.87 -5.75
N ASP A 338 -22.88 -0.08 -4.94
CA ASP A 338 -21.75 0.26 -4.00
C ASP A 338 -20.89 -0.96 -3.79
N PHE A 339 -19.68 -0.79 -3.24
CA PHE A 339 -18.91 -1.95 -2.79
C PHE A 339 -17.92 -1.56 -1.74
N PHE A 340 -17.38 -2.54 -1.01
CA PHE A 340 -16.15 -2.27 -0.23
C PHE A 340 -15.29 -3.54 -0.24
N SER A 341 -14.03 -3.39 0.15
CA SER A 341 -13.10 -4.46 0.13
C SER A 341 -12.22 -4.24 1.36
N PHE A 342 -11.70 -5.33 1.95
CA PHE A 342 -10.61 -5.13 2.88
C PHE A 342 -9.65 -6.29 2.67
N TYR A 343 -8.39 -6.16 3.14
CA TYR A 343 -7.44 -7.25 2.98
C TYR A 343 -6.89 -7.64 4.35
N ARG A 344 -6.34 -8.84 4.46
CA ARG A 344 -5.90 -9.32 5.75
C ARG A 344 -4.39 -9.30 5.84
N ILE A 345 -3.87 -8.66 6.92
CA ILE A 345 -2.47 -8.88 7.26
C ILE A 345 -2.42 -9.20 8.76
N PRO A 346 -2.14 -10.47 9.13
CA PRO A 346 -1.88 -10.83 10.54
C PRO A 346 -0.57 -10.21 10.98
N SER A 347 -0.44 -9.91 12.27
CA SER A 347 0.83 -9.43 12.82
C SER A 347 1.24 -10.40 13.93
N THR A 348 2.53 -10.70 13.98
CA THR A 348 3.11 -11.42 15.07
C THR A 348 3.09 -10.50 16.30
N VAL A 349 2.57 -11.04 17.40
CA VAL A 349 2.61 -10.39 18.68
C VAL A 349 3.87 -10.90 19.34
N ILE A 350 4.83 -10.00 19.49
CA ILE A 350 6.16 -10.40 19.89
C ILE A 350 6.28 -10.74 21.36
N GLY A 351 5.72 -9.94 22.25
CA GLY A 351 5.96 -10.14 23.68
C GLY A 351 5.01 -11.00 24.53
N ASN A 352 3.78 -11.22 24.02
CA ASN A 352 2.70 -11.76 24.84
C ASN A 352 2.88 -13.26 24.90
N SER A 353 2.29 -13.94 25.90
CA SER A 353 2.31 -15.42 25.95
C SER A 353 1.02 -15.96 25.36
N ASN A 354 -0.10 -15.40 25.82
CA ASN A 354 -1.43 -15.89 25.47
C ASN A 354 -1.85 -15.81 24.00
N TYR A 355 -1.18 -14.96 23.22
CA TYR A 355 -1.50 -14.78 21.81
C TYR A 355 -0.19 -14.64 21.07
N ASN A 356 -0.07 -15.31 19.94
CA ASN A 356 1.08 -15.08 19.09
C ASN A 356 0.77 -14.23 17.87
N LEU A 357 -0.50 -14.14 17.46
CA LEU A 357 -0.93 -13.42 16.24
C LEU A 357 -2.07 -12.45 16.51
N LEU A 358 -2.01 -11.31 15.84
CA LEU A 358 -3.14 -10.39 15.76
C LEU A 358 -3.77 -10.48 14.36
N ASN A 359 -5.08 -10.61 14.24
CA ASN A 359 -5.71 -10.68 12.90
C ASN A 359 -6.19 -9.25 12.49
N ALA A 360 -5.52 -8.58 11.55
CA ALA A 360 -5.99 -7.23 11.21
C ALA A 360 -6.55 -7.11 9.79
N ALA A 361 -7.70 -6.44 9.64
CA ALA A 361 -8.33 -6.10 8.36
C ALA A 361 -8.02 -4.67 8.00
N TYR A 362 -7.57 -4.43 6.78
CA TYR A 362 -7.18 -3.12 6.29
C TYR A 362 -8.21 -2.67 5.29
N VAL A 363 -8.77 -1.48 5.48
CA VAL A 363 -9.68 -0.96 4.48
C VAL A 363 -8.97 -0.82 3.13
N HIS A 364 -9.58 -1.34 2.07
CA HIS A 364 -8.97 -1.33 0.77
C HIS A 364 -9.80 -0.31 -0.10
N TYR A 365 -9.99 -0.54 -1.41
CA TYR A 365 -10.93 0.35 -2.22
C TYR A 365 -12.40 0.16 -1.86
N TYR A 366 -13.21 1.18 -2.15
CA TYR A 366 -14.64 1.10 -2.00
C TYR A 366 -15.22 2.24 -2.87
N ALA A 367 -16.54 2.25 -2.99
CA ALA A 367 -17.29 3.36 -3.58
C ALA A 367 -18.72 3.24 -3.11
N ALA A 368 -19.31 4.39 -2.78
CA ALA A 368 -20.70 4.51 -2.35
C ALA A 368 -21.38 5.45 -3.32
N THR A 369 -22.52 5.03 -3.92
CA THR A 369 -23.40 5.94 -4.66
C THR A 369 -24.87 5.88 -4.20
N SER A 370 -25.24 4.97 -3.33
CA SER A 370 -26.63 4.83 -2.91
C SER A 370 -26.84 4.96 -1.42
N ILE A 371 -25.75 5.01 -0.65
CA ILE A 371 -25.84 5.12 0.85
C ILE A 371 -24.69 5.95 1.42
N PRO A 372 -24.89 6.56 2.61
CA PRO A 372 -23.76 7.28 3.17
C PRO A 372 -22.58 6.29 3.28
N LEU A 373 -21.35 6.79 3.16
CA LEU A 373 -20.18 5.93 3.30
C LEU A 373 -20.11 5.19 4.67
N HIS A 374 -20.50 5.89 5.74
CA HIS A 374 -20.46 5.28 7.07
C HIS A 374 -21.36 4.05 7.15
N GLN A 375 -22.46 4.04 6.39
CA GLN A 375 -23.40 2.93 6.38
C GLN A 375 -22.82 1.72 5.61
N LEU A 376 -22.12 2.07 4.52
CA LEU A 376 -21.37 1.08 3.77
C LEU A 376 -20.20 0.44 4.57
N ILE A 377 -19.34 1.27 5.21
CA ILE A 377 -18.21 0.82 6.02
C ILE A 377 -18.66 0.10 7.35
N LEU A 378 -19.83 0.46 7.87
CA LEU A 378 -20.37 -0.30 9.01
C LEU A 378 -20.44 -1.79 8.64
N ASP A 379 -21.03 -2.11 7.52
CA ASP A 379 -21.02 -3.48 7.07
C ASP A 379 -19.63 -4.11 6.91
N LEU A 380 -18.66 -3.38 6.41
CA LEU A 380 -17.25 -3.81 6.43
C LEU A 380 -16.85 -4.29 7.84
N LEU A 381 -17.13 -3.43 8.84
CA LEU A 381 -16.82 -3.78 10.21
C LEU A 381 -17.54 -5.03 10.69
N ILE A 382 -18.84 -5.12 10.38
CA ILE A 382 -19.63 -6.30 10.80
C ILE A 382 -19.00 -7.56 10.18
N VAL A 383 -18.70 -7.47 8.88
CA VAL A 383 -18.14 -8.63 8.20
C VAL A 383 -16.78 -9.04 8.77
N ALA A 384 -15.91 -8.04 8.95
CA ALA A 384 -14.58 -8.25 9.53
C ALA A 384 -14.72 -8.92 10.92
N HIS A 385 -15.61 -8.37 11.73
CA HIS A 385 -15.77 -8.86 13.08
C HIS A 385 -16.31 -10.28 13.07
N SER A 386 -17.33 -10.50 12.24
CA SER A 386 -17.90 -11.82 12.06
C SER A 386 -16.92 -12.88 11.58
N ARG A 387 -15.99 -12.47 10.73
CA ARG A 387 -14.95 -13.39 10.27
C ARG A 387 -13.76 -13.52 11.22
N GLY A 388 -13.81 -12.96 12.41
CA GLY A 388 -12.78 -13.24 13.35
C GLY A 388 -11.63 -12.29 13.37
N PHE A 389 -11.76 -11.10 12.78
CA PHE A 389 -10.65 -10.16 12.81
C PHE A 389 -10.64 -9.42 14.13
N ASP A 390 -9.47 -8.97 14.55
CA ASP A 390 -9.35 -8.29 15.88
C ASP A 390 -9.45 -6.75 15.81
N VAL A 391 -9.06 -6.18 14.67
CA VAL A 391 -8.96 -4.74 14.54
C VAL A 391 -9.10 -4.44 13.03
N CYS A 392 -9.62 -3.26 12.72
CA CYS A 392 -9.68 -2.79 11.36
C CYS A 392 -8.75 -1.56 11.30
N ASN A 393 -7.80 -1.56 10.37
CA ASN A 393 -6.78 -0.50 10.18
C ASN A 393 -7.05 0.23 8.86
N MET A 394 -6.72 1.51 8.80
CA MET A 394 -6.69 2.28 7.56
C MET A 394 -5.83 3.48 7.75
N VAL A 395 -5.39 4.11 6.64
CA VAL A 395 -4.76 5.40 6.66
C VAL A 395 -5.84 6.38 6.18
N GLU A 396 -5.74 7.61 6.65
CA GLU A 396 -6.72 8.63 6.33
C GLU A 396 -6.68 9.10 4.87
N ILE A 397 -6.48 8.21 3.90
CA ILE A 397 -6.54 8.57 2.45
C ILE A 397 -8.01 8.48 2.04
N LEU A 398 -8.28 8.62 0.74
CA LEU A 398 -9.62 8.49 0.22
C LEU A 398 -10.59 9.42 1.08
N ASP A 399 -11.84 9.02 1.29
CA ASP A 399 -12.69 9.74 2.29
C ASP A 399 -12.77 9.00 3.60
N ASN A 400 -11.68 8.30 3.98
CA ASN A 400 -11.64 7.53 5.23
C ASN A 400 -11.95 8.38 6.47
N ARG A 401 -11.62 9.68 6.42
CA ARG A 401 -11.90 10.59 7.58
C ARG A 401 -13.40 10.79 7.82
N SER A 402 -14.20 10.57 6.75
CA SER A 402 -15.62 10.89 6.80
C SER A 402 -16.43 9.95 7.72
N PHE A 403 -15.88 8.76 8.03
CA PHE A 403 -16.60 7.83 8.88
C PHE A 403 -15.87 7.55 10.20
N VAL A 404 -14.76 8.25 10.47
CA VAL A 404 -13.93 7.91 11.65
C VAL A 404 -14.70 7.90 12.97
N GLU A 405 -15.49 8.96 13.22
CA GLU A 405 -16.05 9.20 14.53
C GLU A 405 -17.28 8.37 14.80
N GLN A 406 -18.17 8.42 13.85
CA GLN A 406 -19.35 7.60 13.93
C GLN A 406 -19.09 6.09 14.03
N LEU A 407 -18.09 5.60 13.34
CA LEU A 407 -17.72 4.12 13.44
C LEU A 407 -16.69 3.81 14.53
N LYS A 408 -16.32 4.83 15.31
CA LYS A 408 -15.39 4.63 16.41
C LYS A 408 -14.01 4.17 16.00
N PHE A 409 -13.44 4.76 14.93
CA PHE A 409 -12.02 4.52 14.66
C PHE A 409 -11.27 5.54 15.58
N GLY A 410 -10.07 5.22 16.01
CA GLY A 410 -9.26 6.19 16.76
C GLY A 410 -7.96 6.29 15.99
N ALA A 411 -7.34 7.48 16.01
CA ALA A 411 -5.98 7.70 15.52
C ALA A 411 -4.98 6.85 16.25
N GLY A 412 -3.99 6.34 15.49
CA GLY A 412 -3.00 5.39 16.01
C GLY A 412 -1.66 6.12 16.11
N ASP A 413 -0.58 5.42 16.39
CA ASP A 413 0.74 6.11 16.41
C ASP A 413 1.36 6.10 15.02
N GLY A 414 0.92 5.19 14.17
CA GLY A 414 1.52 5.09 12.84
C GLY A 414 1.19 6.31 11.95
N HIS A 415 2.14 6.64 11.06
CA HIS A 415 1.88 7.50 9.90
C HIS A 415 2.39 6.78 8.69
N LEU A 416 1.74 6.99 7.55
CA LEU A 416 2.24 6.46 6.29
C LEU A 416 2.60 7.67 5.42
N ARG A 417 3.82 7.70 4.95
CA ARG A 417 4.31 8.76 4.13
C ARG A 417 4.30 8.20 2.74
N TYR A 418 3.87 9.00 1.80
CA TYR A 418 3.84 8.65 0.39
C TYR A 418 4.96 9.36 -0.38
N TYR A 419 5.65 8.64 -1.27
CA TYR A 419 6.85 9.19 -1.96
C TYR A 419 6.79 8.77 -3.38
N PHE A 420 7.39 9.60 -4.27
CA PHE A 420 7.72 9.22 -5.62
C PHE A 420 9.20 9.26 -5.75
N TYR A 421 9.70 8.37 -6.62
CA TYR A 421 11.03 8.39 -7.09
C TYR A 421 11.07 9.08 -8.44
N ASN A 422 12.05 9.94 -8.65
CA ASN A 422 12.17 10.70 -9.92
C ASN A 422 10.87 11.42 -10.35
N TRP A 423 10.18 12.06 -9.43
CA TRP A 423 8.99 12.81 -9.83
C TRP A 423 8.81 13.94 -8.86
N ALA A 424 8.85 15.16 -9.40
CA ALA A 424 8.57 16.37 -8.64
C ALA A 424 7.05 16.45 -8.47
N TYR A 425 6.61 16.73 -7.26
CA TYR A 425 5.18 16.74 -6.98
C TYR A 425 4.88 17.68 -5.79
N PRO A 426 3.92 18.63 -5.98
CA PRO A 426 3.56 19.55 -4.88
C PRO A 426 2.91 18.78 -3.72
N LYS A 427 3.18 19.23 -2.50
CA LYS A 427 2.53 18.73 -1.29
C LYS A 427 1.00 18.63 -1.49
N ILE A 428 0.43 17.45 -1.21
CA ILE A 428 -1.05 17.33 -1.19
C ILE A 428 -1.53 16.79 0.17
N LYS A 429 -2.75 17.07 0.54
CA LYS A 429 -3.36 16.36 1.71
C LYS A 429 -3.59 14.87 1.47
N PRO A 430 -3.54 14.03 2.53
CA PRO A 430 -3.74 12.57 2.31
C PRO A 430 -5.16 12.27 1.78
N SER A 431 -6.12 13.19 2.03
CA SER A 431 -7.46 12.95 1.51
C SER A 431 -7.56 13.27 0.02
N GLN A 432 -6.43 13.62 -0.61
CA GLN A 432 -6.32 13.74 -2.07
C GLN A 432 -5.53 12.56 -2.69
N VAL A 433 -5.22 11.54 -1.86
CA VAL A 433 -4.54 10.30 -2.31
C VAL A 433 -5.57 9.17 -2.44
N ALA A 434 -5.55 8.50 -3.56
CA ALA A 434 -6.50 7.38 -3.79
C ALA A 434 -5.78 6.04 -4.03
N LEU A 435 -4.50 5.97 -3.66
CA LEU A 435 -3.69 4.76 -3.87
C LEU A 435 -3.51 4.06 -2.54
N VAL A 436 -4.14 2.91 -2.44
CA VAL A 436 -4.05 2.06 -1.21
C VAL A 436 -2.83 1.19 -1.35
N MET A 437 -1.90 1.29 -0.40
CA MET A 437 -0.70 0.45 -0.42
C MET A 437 -0.88 -0.77 0.43
N LEU A 438 -0.38 -1.91 -0.08
CA LEU A 438 -0.58 -3.20 0.57
C LEU A 438 0.49 -3.40 1.63
CAA 5PE B . 1.13 -0.07 17.13
OAN 5PE B . 0.56 0.97 16.27
CAT 5PE B . 0.57 0.78 14.87
CAJ 5PE B . 1.28 -0.27 14.24
CAR 5PE B . -0.14 1.67 14.06
OAC 5PE B . -0.85 2.67 14.67
CAH 5PE B . -0.16 1.50 12.64
CAI 5PE B . 0.55 0.45 12.03
CAS 5PE B . 1.27 -0.44 12.83
CAU 5PE B . 2.05 -1.61 12.17
SAO 5PE B . 3.83 -1.66 12.65
CAK 5PE B . 4.02 -3.44 12.66
CAP 5PE B . 2.52 -3.90 12.68
OAB 5PE B . 2.25 -5.07 12.88
NAV 5PE B . 1.54 -2.95 12.59
CAL 5PE B . 0.14 -3.31 12.42
CAQ 5PE B . -0.72 -3.29 13.67
CAG 5PE B . -0.24 -3.77 14.88
CAE 5PE B . -1.11 -3.72 16.00
CAD 5PE B . -2.37 -3.17 15.89
CAF 5PE B . -2.77 -2.70 14.64
NAM 5PE B . -1.96 -2.75 13.58
S1 MYA C . 8.90 0.60 3.52
C2 MYA C . 9.21 -0.80 4.62
C3 MYA C . 10.74 -1.02 4.76
N4 MYA C . 11.00 -2.21 5.57
C5 MYA C . 11.19 -2.26 6.86
O5 MYA C . 11.13 -1.25 7.54
C6 MYA C . 11.53 -3.62 7.45
C7 MYA C . 12.43 -3.51 8.68
N8 MYA C . 13.66 -2.85 8.30
C9 MYA C . 14.57 -3.23 7.42
O9 MYA C . 14.48 -4.27 6.78
C10 MYA C . 15.80 -2.34 7.24
O10 MYA C . 16.04 -1.43 8.33
C11 MYA C . 15.73 -1.53 5.91
C12 MYA C . 16.90 -0.58 5.93
C13 MYA C . 14.42 -0.72 5.77
C14 MYA C . 16.02 -2.45 4.71
N1A MYA C . 13.07 3.08 2.46
O1A MYA C . 22.46 0.61 6.09
P1A MYA C . 21.22 0.15 5.34
C1X MYA C . 17.72 4.27 3.97
C2A MYA C . 14.08 3.60 1.76
O2A MYA C . 21.17 -1.08 4.53
P2A MYA C . 19.25 -1.07 7.05
C2M MYA C . 9.09 0.02 1.94
O2M MYA C . 9.17 -1.20 1.65
C2X MYA C . 18.36 5.11 5.09
O2X MYA C . 17.84 6.42 5.19
N3A MYA C . 15.22 3.85 2.34
O3A MYA C . 20.03 0.19 6.45
C3M MYA C . 9.26 1.04 0.80
C3X MYA C . 19.81 5.06 4.59
O3X MYA C . 20.08 5.94 3.49
P3X MYA C . 20.74 7.38 3.77
C4A MYA C . 15.39 3.58 3.64
O4A MYA C . 18.55 -0.52 8.20
C4M MYA C . 10.72 1.04 0.36
C4X MYA C . 19.99 3.63 4.07
O4X MYA C . 18.62 3.16 3.82
C5A MYA C . 14.37 3.09 4.39
O5A MYA C . 20.12 -2.30 7.09
C5M MYA C . 11.09 2.03 -0.74
C5X MYA C . 20.66 2.73 5.09
O5X MYA C . 20.76 1.44 4.51
C6A MYA C . 13.14 2.85 3.76
N6A MYA C . 12.05 2.32 4.39
O6A MYA C . 18.10 -1.36 5.89
C6M MYA C . 12.58 2.02 -1.13
N7A MYA C . 14.85 2.94 5.64
O7A MYA C . 22.15 7.04 4.33
C7M MYA C . 12.94 3.12 -2.17
C8A MYA C . 16.13 3.33 5.67
O8A MYA C . 19.80 8.11 4.79
C8M MYA C . 12.43 2.75 -3.57
N9A MYA C . 16.45 3.73 4.43
O9A MYA C . 20.71 8.35 2.51
C9M MYA C . 12.88 3.78 -4.65
CAM MYA C . 12.33 3.36 -6.03
CBM MYA C . 13.16 2.23 -6.69
CCM MYA C . 12.69 1.98 -8.13
CDM MYA C . 12.74 3.29 -8.96
CEM MYA C . 12.11 3.03 -10.35
CFM MYA C . 12.56 4.08 -11.38
#